data_5LGZ
#
_entry.id   5LGZ
#
_cell.length_a   56.850
_cell.length_b   68.650
_cell.length_c   88.930
_cell.angle_alpha   90.00
_cell.angle_beta   90.00
_cell.angle_gamma   90.00
#
_symmetry.space_group_name_H-M   'P 21 21 21'
#
loop_
_entity.id
_entity.type
_entity.pdbx_description
1 polymer 'Pentaerythritol tetranitrate reductase'
2 non-polymer 'ISOPROPYL ALCOHOL'
3 non-polymer 1-DEOXY-1-(7,8-DIMETHYL-2,4-DIOXO-3,4-DIHYDRO-2H-BENZO[G]PTERIDIN-1-ID-10(5H)-YL)-5-O-PHOSPHONATO-D-RIBITOL
4 water water
#
_entity_poly.entity_id   1
_entity_poly.type   'polypeptide(L)'
_entity_poly.pdbx_seq_one_letter_code
;AEKLFTPLKVGAVTAPNRVFMAPLTRLRSIEPGDIPTPLMGEYYRQRASAGLIISEATQISAQAKGYAGAPGLHSPEQIA
AWKKITAGVHAEDGRIAVQLWHTGRISHSSIQPGGQAPVSASALNANTRTSLRDENGNAIRVDTTTPRALELDEIPGIVN
DFRQAVANAREAGFDLVELHSAHGYLLHQFLSPSSNQRTDQYGGSVENRARLVLEVVDAVCNEWSADRIGIRVSPIGTFQ
NVDNGPNEEADALYLIEELAKRGIAYLHMSETDLAGGKPYSEAFRQKVRERFHGVIIGAGAYTAEKAEDLIGKGLIDAVA
FGRDYIANPDLVARLQKKAELNPQRPESFYGGGAEGYTDYPSL
;
_entity_poly.pdbx_strand_id   A
#
# COMPACT_ATOMS: atom_id res chain seq x y z
N ALA A 1 2.31 30.95 3.23
CA ALA A 1 1.56 30.01 4.08
C ALA A 1 1.66 28.59 3.54
N GLU A 2 1.16 28.37 2.31
CA GLU A 2 1.06 27.05 1.69
C GLU A 2 2.32 26.21 1.90
N LYS A 3 2.14 25.00 2.45
CA LYS A 3 3.28 24.12 2.60
C LYS A 3 3.23 22.93 1.66
N LEU A 4 2.12 22.72 0.96
CA LEU A 4 2.03 21.52 0.10
C LEU A 4 3.08 21.50 -0.99
N PHE A 5 3.61 22.65 -1.41
CA PHE A 5 4.53 22.70 -2.54
C PHE A 5 5.97 22.97 -2.10
N THR A 6 6.31 22.57 -0.88
CA THR A 6 7.66 22.70 -0.34
C THR A 6 8.30 21.33 -0.16
N PRO A 7 9.62 21.25 -0.21
CA PRO A 7 10.29 19.95 -0.14
C PRO A 7 10.18 19.27 1.22
N LEU A 8 10.45 17.97 1.19
CA LEU A 8 10.35 17.10 2.36
C LEU A 8 11.36 15.99 2.19
N LYS A 9 12.27 15.84 3.14
N LYS A 9 12.22 15.80 3.19
CA LYS A 9 13.17 14.70 3.10
CA LYS A 9 13.19 14.70 3.17
C LYS A 9 12.41 13.49 3.61
C LYS A 9 12.51 13.43 3.68
N VAL A 10 12.40 12.41 2.81
CA VAL A 10 11.67 11.18 3.11
C VAL A 10 12.70 10.07 3.09
N GLY A 11 13.31 9.79 4.25
CA GLY A 11 14.40 8.81 4.28
C GLY A 11 15.49 9.20 3.30
N ALA A 12 15.85 8.27 2.40
CA ALA A 12 16.93 8.46 1.46
C ALA A 12 16.58 9.39 0.30
N VAL A 13 15.33 9.80 0.11
CA VAL A 13 15.08 10.70 -1.00
C VAL A 13 14.45 11.99 -0.51
N THR A 14 14.49 12.99 -1.37
CA THR A 14 13.89 14.28 -1.08
C THR A 14 12.76 14.55 -2.07
N ALA A 15 11.59 14.65 -1.56
CA ALA A 15 10.44 15.00 -2.39
C ALA A 15 10.39 16.51 -2.58
N PRO A 16 10.07 17.01 -3.78
CA PRO A 16 10.00 18.46 -3.97
C PRO A 16 8.70 19.09 -3.52
N ASN A 17 7.67 18.28 -3.17
CA ASN A 17 6.39 18.75 -2.71
C ASN A 17 5.79 17.63 -1.86
N ARG A 18 4.67 17.93 -1.21
CA ARG A 18 3.99 17.06 -0.25
C ARG A 18 2.79 16.38 -0.86
N VAL A 19 2.60 16.49 -2.18
CA VAL A 19 1.45 15.91 -2.88
C VAL A 19 1.87 14.53 -3.42
N PHE A 20 1.50 13.45 -2.72
CA PHE A 20 1.94 12.11 -3.09
C PHE A 20 0.83 11.37 -3.80
N MET A 21 1.24 10.44 -4.68
CA MET A 21 0.30 9.56 -5.34
C MET A 21 0.12 8.28 -4.50
N ALA A 22 -1.10 8.09 -3.99
CA ALA A 22 -1.44 6.91 -3.21
C ALA A 22 -1.28 5.62 -4.02
N PRO A 23 -0.99 4.50 -3.35
CA PRO A 23 -0.98 3.21 -4.04
C PRO A 23 -2.38 2.86 -4.53
N LEU A 24 -2.49 2.47 -5.82
CA LEU A 24 -3.80 2.29 -6.49
C LEU A 24 -3.75 1.04 -7.36
N THR A 25 -4.39 -0.02 -6.88
CA THR A 25 -4.56 -1.23 -7.69
C THR A 25 -5.39 -0.89 -8.92
N ARG A 26 -4.85 -1.17 -10.11
CA ARG A 26 -5.57 -0.89 -11.35
C ARG A 26 -5.78 -2.13 -12.21
N LEU A 27 -5.12 -3.24 -11.88
CA LEU A 27 -5.39 -4.58 -12.47
C LEU A 27 -5.27 -4.60 -14.00
N ARG A 28 -4.15 -4.07 -14.50
CA ARG A 28 -3.89 -4.00 -15.93
C ARG A 28 -2.61 -4.74 -16.31
N SER A 29 -2.07 -5.56 -15.42
CA SER A 29 -0.83 -6.26 -15.76
C SER A 29 -1.09 -7.42 -16.71
N ILE A 30 -0.04 -7.89 -17.36
CA ILE A 30 -0.12 -9.03 -18.27
C ILE A 30 -0.24 -10.33 -17.50
N GLU A 31 -1.19 -11.16 -17.93
CA GLU A 31 -1.19 -12.57 -17.55
C GLU A 31 -1.07 -13.39 -18.83
N PRO A 32 -0.38 -14.52 -18.76
CA PRO A 32 0.36 -15.03 -17.62
C PRO A 32 1.60 -14.21 -17.28
N GLY A 33 1.96 -14.29 -16.01
CA GLY A 33 3.22 -13.78 -15.51
C GLY A 33 3.09 -12.57 -14.63
N ASP A 34 1.90 -11.99 -14.53
CA ASP A 34 1.67 -10.82 -13.65
C ASP A 34 2.69 -9.72 -13.94
N ILE A 35 2.84 -9.39 -15.22
CA ILE A 35 3.98 -8.59 -15.71
C ILE A 35 3.54 -7.14 -15.90
N PRO A 36 4.24 -6.17 -15.31
CA PRO A 36 3.95 -4.77 -15.64
C PRO A 36 4.15 -4.53 -17.12
N THR A 37 3.48 -3.50 -17.64
CA THR A 37 3.42 -3.22 -19.06
C THR A 37 3.95 -1.84 -19.40
N PRO A 38 4.27 -1.61 -20.69
CA PRO A 38 4.59 -0.25 -21.11
C PRO A 38 3.46 0.72 -20.86
N LEU A 39 2.20 0.28 -20.97
CA LEU A 39 1.09 1.20 -20.66
C LEU A 39 1.14 1.63 -19.20
N MET A 40 1.40 0.68 -18.28
CA MET A 40 1.60 1.05 -16.88
C MET A 40 2.78 2.02 -16.74
N GLY A 41 3.85 1.81 -17.52
CA GLY A 41 4.96 2.76 -17.48
C GLY A 41 4.56 4.17 -17.89
N GLU A 42 3.74 4.28 -18.95
N GLU A 42 3.74 4.29 -18.94
CA GLU A 42 3.24 5.58 -19.39
CA GLU A 42 3.24 5.60 -19.38
C GLU A 42 2.39 6.26 -18.31
C GLU A 42 2.40 6.25 -18.30
N TYR A 43 1.49 5.49 -17.70
CA TYR A 43 0.65 5.99 -16.61
C TYR A 43 1.48 6.56 -15.47
N TYR A 44 2.50 5.82 -15.02
CA TYR A 44 3.31 6.35 -13.93
C TYR A 44 4.13 7.55 -14.39
N ARG A 45 4.66 7.51 -15.62
CA ARG A 45 5.46 8.62 -16.13
C ARG A 45 4.61 9.90 -16.20
N GLN A 46 3.32 9.77 -16.54
CA GLN A 46 2.45 10.94 -16.59
C GLN A 46 2.30 11.61 -15.26
N ARG A 47 2.51 10.85 -14.17
CA ARG A 47 2.29 11.31 -12.81
C ARG A 47 3.58 11.59 -12.07
N ALA A 48 4.69 11.70 -12.81
CA ALA A 48 5.98 11.78 -12.17
C ALA A 48 6.27 13.13 -11.52
N SER A 49 5.41 14.13 -11.65
CA SER A 49 5.58 15.35 -10.89
C SER A 49 5.13 15.21 -9.44
N ALA A 50 4.50 14.08 -9.07
CA ALA A 50 4.18 13.82 -7.69
C ALA A 50 5.41 13.96 -6.80
N GLY A 51 5.18 14.41 -5.59
CA GLY A 51 6.28 14.44 -4.63
C GLY A 51 6.87 13.06 -4.45
N LEU A 52 6.01 12.04 -4.47
CA LEU A 52 6.40 10.65 -4.43
C LEU A 52 5.25 9.88 -5.04
N ILE A 53 5.55 8.98 -5.99
CA ILE A 53 4.59 7.98 -6.45
C ILE A 53 4.74 6.76 -5.57
N ILE A 54 3.62 6.24 -5.09
CA ILE A 54 3.60 4.94 -4.44
C ILE A 54 2.85 4.01 -5.38
N SER A 55 3.51 2.94 -5.80
CA SER A 55 2.92 2.07 -6.81
C SER A 55 1.68 1.35 -6.29
N GLU A 56 0.92 0.81 -7.25
CA GLU A 56 -0.08 -0.22 -6.96
C GLU A 56 0.53 -1.35 -6.15
N ALA A 57 -0.30 -1.96 -5.32
CA ALA A 57 0.13 -3.15 -4.58
C ALA A 57 0.71 -4.22 -5.51
N THR A 58 1.89 -4.73 -5.10
CA THR A 58 2.65 -5.64 -5.95
C THR A 58 3.06 -6.89 -5.19
N GLN A 59 2.83 -8.08 -5.79
CA GLN A 59 3.09 -9.33 -5.07
C GLN A 59 4.56 -9.53 -4.74
N ILE A 60 4.79 -10.01 -3.53
CA ILE A 60 6.14 -10.44 -3.13
C ILE A 60 6.47 -11.84 -3.63
N SER A 61 5.49 -12.60 -4.08
N SER A 61 5.46 -12.63 -4.03
CA SER A 61 5.62 -14.01 -4.43
CA SER A 61 5.62 -13.99 -4.49
C SER A 61 4.38 -14.39 -5.24
C SER A 61 4.39 -14.36 -5.30
N ALA A 62 4.44 -15.54 -5.94
CA ALA A 62 3.22 -16.02 -6.62
C ALA A 62 2.11 -16.32 -5.61
N GLN A 63 2.47 -16.88 -4.45
CA GLN A 63 1.46 -17.19 -3.43
C GLN A 63 0.77 -15.92 -2.96
N ALA A 64 1.48 -14.79 -2.98
CA ALA A 64 0.90 -13.52 -2.53
C ALA A 64 -0.26 -13.05 -3.37
N LYS A 65 -0.45 -13.60 -4.57
CA LYS A 65 -1.43 -13.06 -5.51
C LYS A 65 -2.85 -13.29 -4.99
N GLY A 66 -3.67 -12.23 -5.07
CA GLY A 66 -5.08 -12.37 -4.71
C GLY A 66 -6.02 -11.76 -5.75
N TYR A 67 -5.50 -10.97 -6.70
CA TYR A 67 -6.24 -10.28 -7.74
C TYR A 67 -5.64 -10.56 -9.11
N ALA A 68 -6.48 -10.96 -10.08
CA ALA A 68 -5.97 -11.09 -11.44
C ALA A 68 -5.67 -9.71 -12.02
N GLY A 69 -4.47 -9.56 -12.57
CA GLY A 69 -4.05 -8.29 -13.17
C GLY A 69 -3.18 -7.45 -12.27
N ALA A 70 -2.97 -7.88 -10.99
CA ALA A 70 -2.02 -7.19 -10.12
C ALA A 70 -0.61 -7.68 -10.41
N PRO A 71 0.38 -6.79 -10.43
CA PRO A 71 1.74 -7.18 -10.83
C PRO A 71 2.48 -7.84 -9.68
N GLY A 72 3.53 -8.59 -10.03
CA GLY A 72 4.47 -9.11 -9.06
C GLY A 72 5.85 -8.44 -9.16
N LEU A 73 6.65 -8.70 -8.12
CA LEU A 73 8.08 -8.33 -8.10
C LEU A 73 8.91 -9.49 -7.60
N HIS A 74 8.62 -10.70 -8.12
CA HIS A 74 9.35 -11.88 -7.74
C HIS A 74 10.06 -12.60 -8.90
N SER A 75 9.65 -12.38 -10.18
CA SER A 75 10.24 -13.11 -11.30
C SER A 75 11.22 -12.24 -12.06
N PRO A 76 12.10 -12.85 -12.85
CA PRO A 76 12.98 -12.04 -13.72
C PRO A 76 12.24 -11.11 -14.65
N GLU A 77 11.18 -11.62 -15.27
CA GLU A 77 10.45 -10.82 -16.25
C GLU A 77 9.75 -9.64 -15.57
N GLN A 78 9.28 -9.84 -14.34
CA GLN A 78 8.67 -8.73 -13.60
C GLN A 78 9.72 -7.68 -13.24
N ILE A 79 10.90 -8.15 -12.76
CA ILE A 79 11.97 -7.21 -12.45
C ILE A 79 12.36 -6.39 -13.69
N ALA A 80 12.51 -7.07 -14.84
CA ALA A 80 12.88 -6.37 -16.07
C ALA A 80 11.84 -5.33 -16.47
N ALA A 81 10.56 -5.67 -16.33
CA ALA A 81 9.51 -4.73 -16.71
C ALA A 81 9.44 -3.56 -15.74
N TRP A 82 9.55 -3.81 -14.44
CA TRP A 82 9.57 -2.71 -13.47
C TRP A 82 10.77 -1.78 -13.68
N LYS A 83 11.94 -2.33 -14.09
CA LYS A 83 13.09 -1.46 -14.34
C LYS A 83 12.77 -0.41 -15.38
N LYS A 84 12.00 -0.78 -16.39
CA LYS A 84 11.63 0.21 -17.39
C LYS A 84 10.71 1.26 -16.81
N ILE A 85 9.81 0.85 -15.92
CA ILE A 85 8.86 1.79 -15.34
C ILE A 85 9.57 2.77 -14.40
N THR A 86 10.49 2.28 -13.55
CA THR A 86 11.18 3.23 -12.67
C THR A 86 12.09 4.13 -13.49
N ALA A 87 12.70 3.59 -14.56
CA ALA A 87 13.56 4.45 -15.39
C ALA A 87 12.75 5.56 -16.03
N GLY A 88 11.52 5.27 -16.44
CA GLY A 88 10.67 6.29 -17.04
C GLY A 88 10.30 7.37 -16.05
N VAL A 89 9.98 6.97 -14.82
CA VAL A 89 9.71 7.96 -13.78
C VAL A 89 10.94 8.81 -13.53
N HIS A 90 12.09 8.17 -13.40
CA HIS A 90 13.32 8.92 -13.13
C HIS A 90 13.68 9.82 -14.31
N ALA A 91 13.38 9.41 -15.57
CA ALA A 91 13.63 10.28 -16.73
C ALA A 91 12.91 11.60 -16.59
N GLU A 92 11.77 11.60 -15.89
CA GLU A 92 10.97 12.81 -15.65
C GLU A 92 11.26 13.44 -14.30
N ASP A 93 12.34 13.02 -13.64
CA ASP A 93 12.78 13.58 -12.36
C ASP A 93 11.80 13.26 -11.24
N GLY A 94 11.10 12.11 -11.34
CA GLY A 94 10.21 11.66 -10.28
C GLY A 94 10.90 10.73 -9.29
N ARG A 95 10.12 10.33 -8.29
CA ARG A 95 10.53 9.33 -7.30
C ARG A 95 9.41 8.32 -7.16
N ILE A 96 9.75 7.04 -7.03
CA ILE A 96 8.69 6.02 -6.96
C ILE A 96 9.02 4.95 -5.94
N ALA A 97 8.05 4.64 -5.09
CA ALA A 97 8.11 3.54 -4.12
C ALA A 97 7.28 2.41 -4.64
N VAL A 98 7.67 1.17 -4.36
CA VAL A 98 6.83 0.02 -4.70
C VAL A 98 6.11 -0.44 -3.45
N GLN A 99 4.78 -0.54 -3.55
CA GLN A 99 4.02 -1.11 -2.43
C GLN A 99 4.03 -2.62 -2.58
N LEU A 100 4.48 -3.31 -1.54
CA LEU A 100 4.63 -4.76 -1.54
C LEU A 100 3.59 -5.41 -0.62
N TRP A 101 2.82 -6.32 -1.18
CA TRP A 101 1.85 -7.06 -0.36
C TRP A 101 1.94 -8.58 -0.52
N HIS A 102 1.35 -9.21 0.48
CA HIS A 102 0.78 -10.55 0.36
C HIS A 102 -0.70 -10.44 0.67
N THR A 103 -1.56 -10.93 -0.22
CA THR A 103 -2.98 -10.72 0.02
C THR A 103 -3.56 -11.66 1.07
N GLY A 104 -2.86 -12.76 1.41
CA GLY A 104 -3.39 -13.69 2.40
C GLY A 104 -4.77 -14.16 1.97
N ARG A 105 -5.74 -14.06 2.90
CA ARG A 105 -7.06 -14.65 2.61
C ARG A 105 -7.91 -13.85 1.62
N ILE A 106 -7.49 -12.67 1.18
N ILE A 106 -7.50 -12.68 1.16
CA ILE A 106 -8.26 -11.91 0.16
CA ILE A 106 -8.27 -11.94 0.15
C ILE A 106 -7.72 -12.39 -1.18
C ILE A 106 -7.73 -12.40 -1.19
N SER A 107 -8.18 -13.57 -1.60
CA SER A 107 -7.64 -14.28 -2.73
C SER A 107 -8.62 -15.39 -3.11
N HIS A 108 -8.24 -16.14 -4.14
CA HIS A 108 -9.11 -17.17 -4.67
C HIS A 108 -8.24 -18.33 -5.12
N SER A 109 -8.71 -19.55 -4.87
CA SER A 109 -7.89 -20.71 -5.21
C SER A 109 -7.50 -20.72 -6.69
N SER A 110 -8.31 -20.18 -7.57
CA SER A 110 -8.02 -20.28 -9.01
C SER A 110 -6.80 -19.47 -9.43
N ILE A 111 -6.34 -18.52 -8.60
CA ILE A 111 -5.10 -17.81 -8.95
C ILE A 111 -3.98 -18.11 -7.97
N GLN A 112 -4.15 -19.11 -7.09
CA GLN A 112 -3.09 -19.60 -6.22
C GLN A 112 -2.26 -20.64 -6.96
N PRO A 113 -0.98 -20.76 -6.66
CA PRO A 113 -0.15 -21.80 -7.31
C PRO A 113 -0.67 -23.17 -6.96
N GLY A 114 -1.02 -23.95 -7.97
CA GLY A 114 -1.54 -25.26 -7.67
C GLY A 114 -3.01 -25.30 -7.44
N GLY A 115 -3.70 -24.15 -7.47
CA GLY A 115 -5.14 -24.13 -7.27
C GLY A 115 -5.63 -24.45 -5.87
N GLN A 116 -4.79 -24.36 -4.84
CA GLN A 116 -5.23 -24.73 -3.52
C GLN A 116 -5.62 -23.48 -2.71
N ALA A 117 -5.92 -23.69 -1.43
CA ALA A 117 -6.42 -22.62 -0.58
C ALA A 117 -5.34 -21.58 -0.35
N PRO A 118 -5.68 -20.29 -0.35
CA PRO A 118 -4.71 -19.27 0.07
C PRO A 118 -4.43 -19.38 1.57
N VAL A 119 -3.42 -18.65 2.02
CA VAL A 119 -2.96 -18.75 3.41
C VAL A 119 -3.32 -17.50 4.21
N SER A 120 -3.36 -17.67 5.53
CA SER A 120 -3.66 -16.56 6.44
C SER A 120 -3.16 -16.89 7.85
N ALA A 121 -3.41 -15.97 8.79
CA ALA A 121 -3.15 -16.25 10.21
C ALA A 121 -3.99 -17.41 10.71
N SER A 122 -5.27 -17.41 10.33
CA SER A 122 -6.21 -18.44 10.75
C SER A 122 -7.05 -18.84 9.55
N ALA A 123 -7.81 -19.92 9.73
CA ALA A 123 -8.63 -20.53 8.68
C ALA A 123 -10.06 -19.99 8.73
N LEU A 124 -10.16 -18.69 8.58
CA LEU A 124 -11.42 -17.95 8.60
C LEU A 124 -11.59 -17.24 7.24
N ASN A 125 -12.68 -17.53 6.53
CA ASN A 125 -12.99 -16.81 5.28
C ASN A 125 -13.17 -15.31 5.54
N ALA A 126 -12.64 -14.50 4.63
CA ALA A 126 -12.82 -13.06 4.73
C ALA A 126 -14.24 -12.63 4.45
N ASN A 127 -15.02 -13.49 3.79
CA ASN A 127 -16.42 -13.21 3.49
C ASN A 127 -16.56 -11.94 2.66
N THR A 128 -15.61 -11.73 1.75
CA THR A 128 -15.74 -10.62 0.82
C THR A 128 -15.46 -11.16 -0.59
N ARG A 129 -15.12 -10.22 -1.50
CA ARG A 129 -14.83 -10.59 -2.87
C ARG A 129 -13.48 -10.03 -3.29
N THR A 130 -12.90 -10.71 -4.23
CA THR A 130 -11.69 -10.22 -4.88
C THR A 130 -12.01 -10.11 -6.37
N SER A 131 -10.99 -9.82 -7.16
N SER A 131 -11.02 -9.76 -7.19
CA SER A 131 -11.13 -9.58 -8.58
CA SER A 131 -11.25 -9.54 -8.61
C SER A 131 -10.40 -10.65 -9.39
C SER A 131 -10.44 -10.51 -9.45
N LEU A 132 -11.12 -11.32 -10.27
CA LEU A 132 -10.55 -12.22 -11.25
C LEU A 132 -10.72 -11.65 -12.65
N ARG A 133 -10.35 -12.42 -13.67
CA ARG A 133 -10.61 -12.07 -15.05
C ARG A 133 -11.44 -13.15 -15.72
N ASP A 134 -12.42 -12.72 -16.51
CA ASP A 134 -13.21 -13.69 -17.24
C ASP A 134 -12.44 -14.15 -18.47
N GLU A 135 -13.09 -15.00 -19.27
N GLU A 135 -13.09 -14.98 -19.27
CA GLU A 135 -12.45 -15.57 -20.46
CA GLU A 135 -12.47 -15.57 -20.46
C GLU A 135 -12.08 -14.52 -21.49
C GLU A 135 -12.12 -14.53 -21.51
N ASN A 136 -12.61 -13.30 -21.37
CA ASN A 136 -12.30 -12.22 -22.29
C ASN A 136 -11.29 -11.25 -21.69
N GLY A 137 -10.77 -11.57 -20.51
CA GLY A 137 -9.82 -10.67 -19.89
C GLY A 137 -10.41 -9.54 -19.08
N ASN A 138 -11.72 -9.50 -18.87
CA ASN A 138 -12.35 -8.38 -18.16
C ASN A 138 -12.46 -8.70 -16.67
N ALA A 139 -12.37 -7.65 -15.85
CA ALA A 139 -12.39 -7.81 -14.40
C ALA A 139 -13.77 -8.27 -13.93
N ILE A 140 -13.80 -9.30 -13.10
CA ILE A 140 -15.03 -9.83 -12.51
C ILE A 140 -14.79 -10.01 -11.03
N ARG A 141 -15.86 -9.92 -10.22
CA ARG A 141 -15.76 -10.17 -8.79
C ARG A 141 -16.10 -11.61 -8.47
N VAL A 142 -15.38 -12.18 -7.49
N VAL A 142 -15.41 -12.18 -7.47
CA VAL A 142 -15.63 -13.54 -7.03
CA VAL A 142 -15.60 -13.57 -7.07
C VAL A 142 -15.48 -13.58 -5.52
C VAL A 142 -15.39 -13.67 -5.56
N ASP A 143 -16.24 -14.47 -4.89
CA ASP A 143 -16.15 -14.66 -3.44
C ASP A 143 -14.78 -15.23 -3.07
N THR A 144 -14.22 -14.74 -1.97
CA THR A 144 -12.90 -15.18 -1.52
C THR A 144 -12.96 -16.64 -1.08
N THR A 145 -11.87 -17.35 -1.33
CA THR A 145 -11.72 -18.74 -0.91
C THR A 145 -11.34 -18.82 0.58
N THR A 146 -11.87 -19.82 1.29
CA THR A 146 -11.50 -19.97 2.69
C THR A 146 -10.01 -20.29 2.80
N PRO A 147 -9.26 -19.56 3.63
CA PRO A 147 -7.81 -19.81 3.73
C PRO A 147 -7.49 -20.97 4.64
N ARG A 148 -6.22 -21.37 4.56
N ARG A 148 -6.25 -21.43 4.54
CA ARG A 148 -5.56 -22.31 5.46
CA ARG A 148 -5.72 -22.31 5.58
C ARG A 148 -4.65 -21.53 6.40
C ARG A 148 -4.78 -21.49 6.44
N ALA A 149 -4.65 -21.87 7.69
CA ALA A 149 -3.75 -21.17 8.60
C ALA A 149 -2.31 -21.55 8.28
N LEU A 150 -1.45 -20.54 8.23
CA LEU A 150 -0.02 -20.81 8.11
C LEU A 150 0.47 -21.66 9.28
N GLU A 151 1.22 -22.71 8.96
N GLU A 151 1.21 -22.70 8.95
CA GLU A 151 1.85 -23.45 10.02
CA GLU A 151 1.93 -23.44 9.96
C GLU A 151 3.06 -22.65 10.52
C GLU A 151 3.03 -22.55 10.54
N LEU A 152 3.38 -22.80 11.81
CA LEU A 152 4.46 -22.05 12.41
C LEU A 152 5.76 -22.14 11.58
N ASP A 153 6.08 -23.32 11.01
CA ASP A 153 7.32 -23.42 10.29
C ASP A 153 7.28 -22.79 8.91
N GLU A 154 6.12 -22.24 8.53
CA GLU A 154 6.00 -21.54 7.27
C GLU A 154 6.22 -20.05 7.43
N ILE A 155 6.22 -19.54 8.66
CA ILE A 155 6.30 -18.08 8.82
C ILE A 155 7.67 -17.54 8.41
N PRO A 156 8.81 -18.21 8.70
CA PRO A 156 10.09 -17.70 8.19
C PRO A 156 10.12 -17.55 6.67
N GLY A 157 9.43 -18.42 5.92
CA GLY A 157 9.39 -18.27 4.48
C GLY A 157 8.67 -17.00 4.05
N ILE A 158 7.59 -16.63 4.77
CA ILE A 158 6.87 -15.40 4.45
C ILE A 158 7.77 -14.20 4.68
N VAL A 159 8.47 -14.18 5.83
CA VAL A 159 9.43 -13.11 6.09
C VAL A 159 10.48 -13.07 4.98
N ASN A 160 10.98 -14.23 4.56
CA ASN A 160 11.99 -14.25 3.51
C ASN A 160 11.45 -13.76 2.18
N ASP A 161 10.18 -14.05 1.88
CA ASP A 161 9.60 -13.54 0.62
C ASP A 161 9.52 -12.02 0.62
N PHE A 162 9.14 -11.41 1.74
CA PHE A 162 9.22 -9.94 1.80
C PHE A 162 10.66 -9.46 1.62
N ARG A 163 11.62 -10.12 2.29
CA ARG A 163 13.01 -9.70 2.19
C ARG A 163 13.48 -9.78 0.75
N GLN A 164 13.17 -10.87 0.09
CA GLN A 164 13.61 -11.07 -1.27
C GLN A 164 12.97 -10.05 -2.20
N ALA A 165 11.70 -9.73 -1.96
CA ALA A 165 11.04 -8.77 -2.82
C ALA A 165 11.65 -7.40 -2.67
N VAL A 166 12.11 -7.03 -1.46
CA VAL A 166 12.78 -5.76 -1.27
C VAL A 166 14.15 -5.77 -1.96
N ALA A 167 14.88 -6.89 -1.91
CA ALA A 167 16.11 -7.00 -2.67
C ALA A 167 15.82 -6.77 -4.15
N ASN A 168 14.72 -7.37 -4.65
CA ASN A 168 14.34 -7.19 -6.04
C ASN A 168 13.96 -5.75 -6.34
N ALA A 169 13.28 -5.09 -5.40
CA ALA A 169 12.84 -3.70 -5.61
C ALA A 169 14.04 -2.79 -5.78
N ARG A 170 15.07 -3.01 -4.94
CA ARG A 170 16.30 -2.24 -5.08
C ARG A 170 16.93 -2.46 -6.45
N GLU A 171 16.98 -3.72 -6.91
CA GLU A 171 17.57 -3.94 -8.24
C GLU A 171 16.74 -3.24 -9.32
N ALA A 172 15.42 -3.24 -9.16
CA ALA A 172 14.52 -2.70 -10.16
C ALA A 172 14.52 -1.18 -10.19
N GLY A 173 15.26 -0.54 -9.30
CA GLY A 173 15.42 0.91 -9.34
C GLY A 173 14.40 1.72 -8.58
N PHE A 174 13.56 1.09 -7.77
CA PHE A 174 12.67 1.85 -6.90
C PHE A 174 13.48 2.69 -5.90
N ASP A 175 12.91 3.83 -5.50
CA ASP A 175 13.56 4.70 -4.53
C ASP A 175 13.29 4.26 -3.11
N LEU A 176 12.13 3.66 -2.88
CA LEU A 176 11.69 3.23 -1.56
C LEU A 176 10.77 2.03 -1.72
N VAL A 177 10.47 1.38 -0.60
N VAL A 177 10.54 1.32 -0.63
CA VAL A 177 9.54 0.26 -0.54
CA VAL A 177 9.47 0.33 -0.63
C VAL A 177 8.49 0.56 0.51
C VAL A 177 8.45 0.75 0.40
N GLU A 178 7.21 0.32 0.20
CA GLU A 178 6.14 0.49 1.18
C GLU A 178 5.57 -0.88 1.48
N LEU A 179 5.75 -1.33 2.73
CA LEU A 179 5.16 -2.58 3.16
C LEU A 179 3.66 -2.41 3.33
N HIS A 180 2.88 -3.31 2.71
CA HIS A 180 1.43 -3.18 2.77
C HIS A 180 0.95 -3.87 4.04
N SER A 181 0.82 -3.11 5.12
CA SER A 181 0.35 -3.64 6.39
C SER A 181 -1.05 -3.16 6.72
N ALA A 182 -1.85 -2.90 5.69
CA ALA A 182 -3.17 -2.26 5.85
C ALA A 182 -4.24 -3.08 5.13
N HIS A 183 -5.48 -2.62 5.29
CA HIS A 183 -6.60 -3.00 4.39
C HIS A 183 -6.93 -4.48 4.40
N GLY A 184 -6.61 -5.15 5.48
CA GLY A 184 -7.01 -6.53 5.60
C GLY A 184 -6.19 -7.53 4.80
N TYR A 185 -5.00 -7.16 4.30
CA TYR A 185 -4.14 -8.13 3.62
C TYR A 185 -3.29 -8.86 4.66
N LEU A 186 -2.28 -9.66 4.23
CA LEU A 186 -1.75 -10.68 5.14
C LEU A 186 -1.20 -10.08 6.43
N LEU A 187 -0.37 -9.05 6.34
CA LEU A 187 0.20 -8.49 7.56
C LEU A 187 -0.89 -8.00 8.51
N HIS A 188 -1.94 -7.36 7.97
CA HIS A 188 -3.04 -6.87 8.79
C HIS A 188 -3.92 -8.02 9.32
N GLN A 189 -3.99 -9.13 8.58
CA GLN A 189 -4.70 -10.33 9.06
C GLN A 189 -4.04 -10.83 10.33
N PHE A 190 -2.71 -10.72 10.44
CA PHE A 190 -2.08 -11.11 11.70
C PHE A 190 -2.29 -10.04 12.78
N LEU A 191 -2.27 -8.76 12.41
CA LEU A 191 -2.40 -7.66 13.37
C LEU A 191 -3.77 -7.66 14.06
N SER A 192 -4.81 -8.03 13.33
CA SER A 192 -6.15 -7.86 13.87
C SER A 192 -6.63 -9.09 14.65
N PRO A 193 -7.17 -8.92 15.85
CA PRO A 193 -7.72 -10.08 16.57
C PRO A 193 -8.94 -10.69 15.89
N SER A 194 -9.63 -9.94 15.02
CA SER A 194 -10.79 -10.48 14.33
C SER A 194 -10.41 -11.53 13.30
N SER A 195 -9.21 -11.44 12.74
CA SER A 195 -8.76 -12.37 11.72
C SER A 195 -7.69 -13.33 12.23
N ASN A 196 -7.30 -13.20 13.49
CA ASN A 196 -6.17 -13.94 14.06
C ASN A 196 -6.61 -14.56 15.38
N GLN A 197 -6.85 -15.88 15.35
N GLN A 197 -6.83 -15.87 15.36
CA GLN A 197 -7.19 -16.67 16.52
CA GLN A 197 -7.19 -16.66 16.54
C GLN A 197 -6.07 -17.66 16.84
C GLN A 197 -6.04 -17.53 17.00
N ARG A 198 -4.82 -17.33 16.49
CA ARG A 198 -3.72 -18.24 16.76
C ARG A 198 -3.44 -18.30 18.26
N THR A 199 -2.95 -19.46 18.69
CA THR A 199 -2.53 -19.67 20.07
C THR A 199 -1.03 -19.90 20.17
N ASP A 200 -0.28 -19.72 19.10
CA ASP A 200 1.17 -19.73 19.21
C ASP A 200 1.63 -18.30 19.44
N GLN A 201 2.90 -18.04 19.26
CA GLN A 201 3.41 -16.71 19.58
C GLN A 201 3.08 -15.69 18.51
N TYR A 202 2.29 -16.04 17.49
CA TYR A 202 1.86 -15.04 16.50
C TYR A 202 0.40 -14.66 16.71
N GLY A 203 -0.21 -15.02 17.83
CA GLY A 203 -1.59 -14.62 18.09
C GLY A 203 -1.81 -14.35 19.57
N GLY A 204 -2.91 -13.65 19.87
CA GLY A 204 -3.27 -13.36 21.25
C GLY A 204 -2.98 -11.91 21.56
N SER A 205 -1.87 -11.67 22.24
CA SER A 205 -1.54 -10.33 22.67
C SER A 205 -1.19 -9.45 21.47
N VAL A 206 -1.21 -8.13 21.70
CA VAL A 206 -0.83 -7.21 20.63
C VAL A 206 0.63 -7.44 20.24
N GLU A 207 1.48 -7.77 21.23
CA GLU A 207 2.88 -8.05 20.91
C GLU A 207 2.99 -9.24 19.96
N ASN A 208 2.18 -10.28 20.21
CA ASN A 208 2.18 -11.45 19.34
C ASN A 208 1.59 -11.14 17.98
N ARG A 209 0.49 -10.36 17.94
CA ARG A 209 -0.16 -10.04 16.67
C ARG A 209 0.70 -9.13 15.79
N ALA A 210 1.52 -8.27 16.39
CA ALA A 210 2.46 -7.45 15.61
C ALA A 210 3.78 -8.15 15.33
N ARG A 211 3.97 -9.36 15.86
CA ARG A 211 5.26 -10.04 15.70
C ARG A 211 5.66 -10.17 14.23
N LEU A 212 4.74 -10.66 13.38
CA LEU A 212 5.11 -10.91 12.00
C LEU A 212 5.48 -9.61 11.29
N VAL A 213 4.65 -8.57 11.42
CA VAL A 213 4.98 -7.36 10.65
C VAL A 213 6.32 -6.78 11.13
N LEU A 214 6.62 -6.87 12.44
CA LEU A 214 7.90 -6.32 12.91
C LEU A 214 9.07 -7.20 12.49
N GLU A 215 8.89 -8.52 12.40
N GLU A 215 8.89 -8.52 12.41
CA GLU A 215 9.94 -9.36 11.80
CA GLU A 215 9.93 -9.36 11.80
C GLU A 215 10.18 -8.97 10.34
C GLU A 215 10.18 -8.93 10.36
N VAL A 216 9.10 -8.66 9.60
CA VAL A 216 9.26 -8.24 8.22
C VAL A 216 9.99 -6.90 8.15
N VAL A 217 9.58 -5.93 8.98
CA VAL A 217 10.30 -4.65 9.02
C VAL A 217 11.79 -4.87 9.29
N ASP A 218 12.11 -5.67 10.33
CA ASP A 218 13.53 -5.88 10.62
C ASP A 218 14.25 -6.55 9.46
N ALA A 219 13.61 -7.52 8.80
CA ALA A 219 14.27 -8.21 7.70
C ALA A 219 14.53 -7.27 6.53
N VAL A 220 13.57 -6.39 6.19
CA VAL A 220 13.82 -5.58 5.03
C VAL A 220 14.78 -4.42 5.33
N CYS A 221 14.77 -3.90 6.57
CA CYS A 221 15.78 -2.90 6.94
C CYS A 221 17.16 -3.50 6.82
N ASN A 222 17.32 -4.75 7.25
CA ASN A 222 18.61 -5.41 7.18
C ASN A 222 19.02 -5.64 5.73
N GLU A 223 18.05 -6.02 4.88
CA GLU A 223 18.36 -6.33 3.49
C GLU A 223 18.84 -5.07 2.77
N TRP A 224 18.12 -3.97 2.94
CA TRP A 224 18.44 -2.74 2.24
C TRP A 224 18.89 -1.74 3.29
N SER A 225 18.04 -0.83 3.71
CA SER A 225 18.39 0.18 4.68
C SER A 225 17.09 0.74 5.25
N ALA A 226 17.08 1.07 6.55
CA ALA A 226 15.85 1.56 7.16
C ALA A 226 15.33 2.80 6.45
N ASP A 227 16.22 3.65 5.95
CA ASP A 227 15.76 4.88 5.32
C ASP A 227 15.23 4.66 3.89
N ARG A 228 15.07 3.39 3.50
CA ARG A 228 14.42 3.03 2.26
C ARG A 228 13.05 2.43 2.50
N ILE A 229 12.65 2.22 3.76
CA ILE A 229 11.47 1.44 4.08
C ILE A 229 10.36 2.35 4.58
N GLY A 230 9.19 2.29 3.95
CA GLY A 230 7.97 2.85 4.50
C GLY A 230 7.00 1.72 4.81
N ILE A 231 5.97 2.05 5.56
CA ILE A 231 4.94 1.05 5.87
C ILE A 231 3.59 1.73 5.83
N ARG A 232 2.60 1.06 5.24
CA ARG A 232 1.22 1.54 5.28
C ARG A 232 0.42 0.73 6.29
N VAL A 233 -0.26 1.43 7.19
CA VAL A 233 -1.13 0.83 8.18
C VAL A 233 -2.51 1.45 8.03
N SER A 234 -3.52 0.71 8.48
CA SER A 234 -4.88 1.22 8.54
C SER A 234 -5.45 0.73 9.85
N PRO A 235 -4.96 1.27 10.97
CA PRO A 235 -5.14 0.59 12.27
C PRO A 235 -6.34 1.07 13.07
N ILE A 236 -7.09 2.03 12.54
CA ILE A 236 -8.29 2.57 13.17
C ILE A 236 -9.45 2.36 12.21
N GLY A 237 -10.49 1.72 12.69
CA GLY A 237 -11.73 1.60 11.92
C GLY A 237 -11.88 0.22 11.32
N THR A 238 -12.94 0.11 10.53
CA THR A 238 -13.29 -1.14 9.87
C THR A 238 -13.00 -1.01 8.39
N PHE A 239 -12.28 -1.96 7.86
CA PHE A 239 -11.99 -2.00 6.45
C PHE A 239 -12.73 -3.17 5.83
N GLN A 240 -13.01 -3.07 4.53
CA GLN A 240 -13.90 -4.04 3.89
C GLN A 240 -13.52 -5.45 4.33
N ASN A 241 -12.23 -5.63 4.47
CA ASN A 241 -11.67 -6.94 4.65
C ASN A 241 -11.49 -7.35 6.11
N VAL A 242 -11.42 -6.39 7.04
CA VAL A 242 -11.17 -6.68 8.47
CA VAL A 242 -11.14 -6.68 8.47
C VAL A 242 -11.45 -5.43 9.30
N ASP A 243 -11.64 -5.61 10.63
CA ASP A 243 -11.65 -4.52 11.63
C ASP A 243 -10.41 -4.61 12.55
N ASN A 244 -10.25 -3.65 13.47
CA ASN A 244 -9.03 -3.53 14.27
C ASN A 244 -9.19 -3.95 15.74
N GLY A 245 -10.29 -4.60 16.08
CA GLY A 245 -10.42 -5.15 17.40
C GLY A 245 -10.82 -4.12 18.43
N PRO A 246 -11.00 -4.55 19.68
CA PRO A 246 -11.62 -3.71 20.70
C PRO A 246 -10.69 -2.71 21.37
N ASN A 247 -9.40 -2.75 21.11
CA ASN A 247 -8.43 -1.87 21.71
C ASN A 247 -7.60 -1.21 20.62
N GLU A 248 -8.30 -0.70 19.59
CA GLU A 248 -7.60 -0.35 18.35
C GLU A 248 -6.62 0.79 18.56
N GLU A 249 -6.98 1.79 19.39
CA GLU A 249 -6.07 2.92 19.57
C GLU A 249 -4.81 2.50 20.32
N ALA A 250 -4.96 1.79 21.44
CA ALA A 250 -3.79 1.33 22.18
C ALA A 250 -2.89 0.44 21.32
N ASP A 251 -3.51 -0.50 20.58
CA ASP A 251 -2.73 -1.42 19.76
C ASP A 251 -2.01 -0.70 18.65
N ALA A 252 -2.65 0.35 18.10
CA ALA A 252 -2.01 1.13 17.05
C ALA A 252 -0.80 1.87 17.60
N LEU A 253 -0.94 2.43 18.80
CA LEU A 253 0.19 3.19 19.34
C LEU A 253 1.35 2.28 19.73
N TYR A 254 1.05 1.07 20.20
CA TYR A 254 2.09 0.06 20.42
C TYR A 254 2.86 -0.21 19.14
N LEU A 255 2.14 -0.52 18.06
CA LEU A 255 2.81 -0.81 16.80
C LEU A 255 3.63 0.38 16.32
N ILE A 256 3.09 1.60 16.43
CA ILE A 256 3.81 2.77 15.93
C ILE A 256 5.09 3.03 16.73
N GLU A 257 5.04 2.86 18.06
N GLU A 257 5.05 2.87 18.06
CA GLU A 257 6.23 2.95 18.89
CA GLU A 257 6.28 3.00 18.84
C GLU A 257 7.29 1.95 18.48
C GLU A 257 7.31 1.95 18.45
N GLU A 258 6.87 0.72 18.17
CA GLU A 258 7.82 -0.30 17.73
C GLU A 258 8.43 0.06 16.38
N LEU A 259 7.59 0.54 15.45
CA LEU A 259 8.11 0.90 14.12
C LEU A 259 9.14 2.02 14.25
N ALA A 260 8.90 2.95 15.17
CA ALA A 260 9.81 4.09 15.30
C ALA A 260 11.18 3.65 15.73
N LYS A 261 11.26 2.57 16.53
CA LYS A 261 12.56 2.09 16.97
C LYS A 261 13.46 1.72 15.79
N ARG A 262 12.87 1.34 14.64
CA ARG A 262 13.65 0.91 13.49
C ARG A 262 14.11 2.07 12.63
N GLY A 263 13.66 3.27 12.92
CA GLY A 263 14.17 4.40 12.17
C GLY A 263 13.80 4.40 10.71
N ILE A 264 12.62 3.84 10.38
CA ILE A 264 12.20 3.70 8.97
C ILE A 264 11.81 5.06 8.39
N ALA A 265 11.75 5.09 7.05
CA ALA A 265 11.58 6.36 6.33
C ALA A 265 10.23 7.01 6.61
N TYR A 266 9.15 6.24 6.71
CA TYR A 266 7.86 6.87 6.82
C TYR A 266 6.80 5.91 7.34
N LEU A 267 5.75 6.50 7.88
CA LEU A 267 4.53 5.87 8.34
C LEU A 267 3.39 6.44 7.52
N HIS A 268 2.73 5.60 6.75
CA HIS A 268 1.64 6.01 5.90
C HIS A 268 0.34 5.48 6.51
N MET A 269 -0.54 6.40 6.91
N MET A 269 -0.54 6.39 6.93
CA MET A 269 -1.79 6.06 7.59
CA MET A 269 -1.78 5.99 7.60
C MET A 269 -2.94 6.15 6.59
C MET A 269 -2.94 6.15 6.62
N SER A 270 -3.54 5.01 6.27
CA SER A 270 -4.79 5.00 5.52
C SER A 270 -5.92 5.14 6.53
N GLU A 271 -6.58 6.31 6.53
CA GLU A 271 -7.44 6.65 7.67
C GLU A 271 -8.85 6.11 7.56
N THR A 272 -9.30 5.81 6.35
CA THR A 272 -10.65 5.32 6.13
C THR A 272 -10.68 4.38 4.94
N ASP A 273 -11.59 3.41 5.02
N ASP A 273 -11.56 3.40 5.01
CA ASP A 273 -12.08 2.67 3.87
CA ASP A 273 -11.78 2.71 3.76
C ASP A 273 -12.70 3.66 2.88
C ASP A 273 -12.70 3.58 2.90
N LEU A 274 -12.81 3.24 1.63
CA LEU A 274 -13.55 4.08 0.69
C LEU A 274 -15.00 4.25 1.15
N ALA A 275 -15.52 3.31 1.96
CA ALA A 275 -16.92 3.36 2.39
C ALA A 275 -17.14 4.23 3.61
N GLY A 276 -16.08 4.84 4.15
CA GLY A 276 -16.22 5.81 5.21
C GLY A 276 -15.82 5.23 6.56
N GLY A 277 -15.56 6.13 7.51
CA GLY A 277 -15.29 5.76 8.88
C GLY A 277 -15.18 7.04 9.69
N LYS A 278 -15.03 6.89 11.00
CA LYS A 278 -14.96 8.06 11.89
C LYS A 278 -13.61 8.75 11.72
N PRO A 279 -13.58 10.09 11.73
CA PRO A 279 -12.30 10.78 11.58
C PRO A 279 -11.37 10.55 12.76
N TYR A 280 -10.07 10.59 12.47
CA TYR A 280 -9.06 10.62 13.52
C TYR A 280 -9.25 11.84 14.41
N SER A 281 -9.23 11.62 15.73
CA SER A 281 -9.24 12.77 16.64
C SER A 281 -7.89 13.49 16.63
N GLU A 282 -7.89 14.78 16.93
CA GLU A 282 -6.59 15.46 16.96
C GLU A 282 -5.72 14.93 18.10
N ALA A 283 -6.35 14.48 19.19
CA ALA A 283 -5.61 13.86 20.27
C ALA A 283 -4.88 12.62 19.78
N PHE A 284 -5.55 11.79 18.98
CA PHE A 284 -4.88 10.60 18.45
C PHE A 284 -3.75 10.99 17.51
N ARG A 285 -3.97 11.98 16.64
CA ARG A 285 -2.88 12.43 15.77
C ARG A 285 -1.67 12.91 16.58
N GLN A 286 -1.89 13.60 17.68
CA GLN A 286 -0.75 14.05 18.50
C GLN A 286 -0.02 12.85 19.11
N LYS A 287 -0.76 11.84 19.58
N LYS A 287 -0.77 11.85 19.58
CA LYS A 287 -0.10 10.66 20.14
CA LYS A 287 -0.15 10.65 20.13
C LYS A 287 0.68 9.90 19.07
C LYS A 287 0.67 9.91 19.08
N VAL A 288 0.18 9.87 17.84
CA VAL A 288 0.93 9.25 16.76
C VAL A 288 2.22 10.03 16.51
N ARG A 289 2.08 11.36 16.39
N ARG A 289 2.16 11.37 16.49
CA ARG A 289 3.18 12.23 16.00
CA ARG A 289 3.38 12.15 16.28
C ARG A 289 4.32 12.14 17.00
C ARG A 289 4.38 11.99 17.42
N GLU A 290 4.00 11.97 18.29
N GLU A 290 3.91 11.96 18.66
CA GLU A 290 5.03 11.93 19.32
CA GLU A 290 4.82 11.74 19.77
C GLU A 290 5.68 10.56 19.43
C GLU A 290 5.63 10.49 19.58
N ARG A 291 5.06 9.50 18.87
CA ARG A 291 5.65 8.18 18.82
C ARG A 291 6.46 7.92 17.56
N PHE A 292 6.20 8.66 16.49
CA PHE A 292 6.87 8.46 15.22
C PHE A 292 7.45 9.79 14.81
N HIS A 293 8.78 9.84 14.83
N HIS A 293 8.75 9.87 14.84
CA HIS A 293 9.64 10.98 14.56
CA HIS A 293 9.38 11.13 14.56
C HIS A 293 10.24 10.94 13.16
C HIS A 293 9.58 11.36 13.06
N GLY A 294 9.56 10.29 12.24
CA GLY A 294 9.88 10.39 10.82
C GLY A 294 8.69 10.92 10.05
N VAL A 295 8.74 10.77 8.72
CA VAL A 295 7.66 11.31 7.89
C VAL A 295 6.36 10.56 8.11
N ILE A 296 5.27 11.31 8.31
CA ILE A 296 3.92 10.76 8.40
C ILE A 296 3.13 11.24 7.18
N ILE A 297 2.53 10.28 6.47
CA ILE A 297 1.71 10.53 5.28
C ILE A 297 0.30 10.18 5.66
N GLY A 298 -0.64 11.11 5.44
CA GLY A 298 -2.05 10.88 5.69
C GLY A 298 -2.78 10.64 4.37
N ALA A 299 -3.81 9.79 4.42
CA ALA A 299 -4.60 9.46 3.23
C ALA A 299 -6.01 9.12 3.62
N GLY A 300 -6.93 9.33 2.68
CA GLY A 300 -8.31 8.90 2.83
C GLY A 300 -9.25 10.08 2.69
N ALA A 301 -9.74 10.30 1.45
CA ALA A 301 -10.65 11.41 1.14
C ALA A 301 -10.11 12.77 1.58
N TYR A 302 -8.81 12.96 1.46
CA TYR A 302 -8.25 14.27 1.76
C TYR A 302 -8.58 15.28 0.68
N THR A 303 -8.67 16.53 1.12
CA THR A 303 -8.61 17.69 0.23
C THR A 303 -7.27 18.39 0.45
N ALA A 304 -6.89 19.26 -0.49
CA ALA A 304 -5.70 20.07 -0.29
C ALA A 304 -5.84 20.91 0.97
N GLU A 305 -7.06 21.40 1.25
N GLU A 305 -7.06 21.39 1.26
CA GLU A 305 -7.28 22.23 2.44
CA GLU A 305 -7.24 22.24 2.44
C GLU A 305 -7.01 21.42 3.71
C GLU A 305 -7.04 21.44 3.73
N LYS A 306 -7.55 20.20 3.77
CA LYS A 306 -7.33 19.37 4.96
C LYS A 306 -5.87 19.03 5.12
N ALA A 307 -5.17 18.78 4.01
CA ALA A 307 -3.72 18.52 4.09
C ALA A 307 -2.94 19.72 4.60
N GLU A 308 -3.21 20.92 4.05
CA GLU A 308 -2.51 22.09 4.54
C GLU A 308 -2.74 22.31 6.03
N ASP A 309 -3.98 22.13 6.47
CA ASP A 309 -4.29 22.31 7.90
C ASP A 309 -3.45 21.37 8.76
N LEU A 310 -3.38 20.08 8.39
CA LEU A 310 -2.68 19.15 9.27
C LEU A 310 -1.18 19.26 9.15
N ILE A 311 -0.67 19.59 7.96
CA ILE A 311 0.75 19.84 7.81
C ILE A 311 1.14 21.07 8.61
N GLY A 312 0.32 22.11 8.53
CA GLY A 312 0.60 23.34 9.27
C GLY A 312 0.57 23.13 10.76
N LYS A 313 -0.28 22.22 11.24
CA LYS A 313 -0.31 21.83 12.66
C LYS A 313 0.82 20.91 13.07
N GLY A 314 1.67 20.48 12.13
CA GLY A 314 2.77 19.60 12.48
C GLY A 314 2.36 18.19 12.80
N LEU A 315 1.17 17.78 12.35
CA LEU A 315 0.69 16.44 12.67
C LEU A 315 0.94 15.43 11.56
N ILE A 316 0.98 15.85 10.30
CA ILE A 316 1.42 14.99 9.20
C ILE A 316 2.42 15.80 8.36
N ASP A 317 3.17 15.12 7.50
CA ASP A 317 4.12 15.81 6.64
C ASP A 317 3.72 15.82 5.18
N ALA A 318 2.91 14.86 4.73
CA ALA A 318 2.55 14.77 3.34
C ALA A 318 1.18 14.11 3.26
N VAL A 319 0.56 14.22 2.10
N VAL A 319 0.59 14.15 2.08
CA VAL A 319 -0.76 13.64 1.85
CA VAL A 319 -0.75 13.60 1.87
C VAL A 319 -0.64 12.76 0.61
C VAL A 319 -0.74 12.79 0.59
N ALA A 320 -1.26 11.57 0.66
CA ALA A 320 -1.41 10.76 -0.54
C ALA A 320 -2.83 10.89 -1.05
N PHE A 321 -2.96 11.30 -2.31
CA PHE A 321 -4.24 11.34 -2.99
C PHE A 321 -4.38 10.13 -3.89
N GLY A 322 -5.53 9.48 -3.82
CA GLY A 322 -5.82 8.29 -4.63
C GLY A 322 -6.59 8.65 -5.87
N ARG A 323 -7.91 8.80 -5.73
CA ARG A 323 -8.75 9.01 -6.90
C ARG A 323 -8.44 10.33 -7.63
N ASP A 324 -8.04 11.38 -6.92
CA ASP A 324 -7.67 12.59 -7.68
C ASP A 324 -6.44 12.35 -8.56
N TYR A 325 -5.53 11.45 -8.11
CA TYR A 325 -4.40 11.10 -8.96
C TYR A 325 -4.80 10.19 -10.10
N ILE A 326 -5.78 9.29 -9.91
CA ILE A 326 -6.27 8.55 -11.07
C ILE A 326 -6.66 9.51 -12.18
N ALA A 327 -7.42 10.56 -11.80
CA ALA A 327 -8.04 11.40 -12.81
C ALA A 327 -7.17 12.59 -13.23
N ASN A 328 -6.07 12.89 -12.55
CA ASN A 328 -5.33 14.12 -12.80
C ASN A 328 -3.83 13.84 -12.77
N PRO A 329 -3.21 13.60 -13.93
CA PRO A 329 -1.80 13.18 -13.90
C PRO A 329 -0.94 14.30 -13.36
N ASP A 330 -1.34 15.54 -13.66
CA ASP A 330 -0.65 16.75 -13.18
C ASP A 330 -1.37 17.35 -11.99
N LEU A 331 -1.79 16.51 -11.06
CA LEU A 331 -2.48 17.01 -9.87
C LEU A 331 -1.67 18.09 -9.15
N VAL A 332 -0.34 17.95 -9.10
CA VAL A 332 0.46 18.96 -8.41
C VAL A 332 0.24 20.34 -9.03
N ALA A 333 0.42 20.44 -10.35
CA ALA A 333 0.18 21.73 -11.01
C ALA A 333 -1.25 22.23 -10.80
N ARG A 334 -2.25 21.35 -10.85
CA ARG A 334 -3.62 21.80 -10.67
C ARG A 334 -3.85 22.33 -9.27
N LEU A 335 -3.25 21.67 -8.27
CA LEU A 335 -3.43 22.17 -6.91
C LEU A 335 -2.65 23.46 -6.69
N GLN A 336 -1.50 23.61 -7.36
N GLN A 336 -1.44 23.58 -7.27
CA GLN A 336 -0.69 24.82 -7.18
CA GLN A 336 -0.72 24.84 -7.22
C GLN A 336 -1.37 26.02 -7.82
C GLN A 336 -1.59 25.97 -7.74
N LYS A 337 -2.02 25.82 -8.98
CA LYS A 337 -2.71 26.87 -9.74
C LYS A 337 -4.17 27.01 -9.37
N LYS A 338 -4.70 26.14 -8.51
CA LYS A 338 -6.13 26.13 -8.18
C LYS A 338 -6.95 25.99 -9.44
N ALA A 339 -6.52 25.08 -10.31
CA ALA A 339 -7.25 24.70 -11.51
C ALA A 339 -8.27 23.63 -11.19
N GLU A 340 -9.33 23.57 -12.00
CA GLU A 340 -10.31 22.50 -11.87
C GLU A 340 -9.68 21.14 -12.18
N LEU A 341 -10.26 20.11 -11.58
CA LEU A 341 -9.82 18.74 -11.79
C LEU A 341 -10.65 18.07 -12.89
N ASN A 342 -10.04 17.10 -13.55
CA ASN A 342 -10.81 16.28 -14.47
C ASN A 342 -11.86 15.47 -13.70
N PRO A 343 -13.00 15.14 -14.33
CA PRO A 343 -13.97 14.28 -13.64
C PRO A 343 -13.46 12.84 -13.57
N GLN A 344 -13.79 12.17 -12.47
CA GLN A 344 -13.39 10.77 -12.30
C GLN A 344 -14.33 9.85 -13.07
N ARG A 345 -13.77 8.74 -13.55
CA ARG A 345 -14.57 7.71 -14.21
C ARG A 345 -14.36 6.41 -13.45
N PRO A 346 -15.05 6.18 -12.32
CA PRO A 346 -14.76 4.98 -11.51
C PRO A 346 -15.03 3.66 -12.21
N GLU A 347 -15.82 3.62 -13.29
N GLU A 347 -15.82 3.65 -13.28
CA GLU A 347 -16.08 2.37 -13.97
CA GLU A 347 -16.11 2.43 -14.01
C GLU A 347 -14.82 1.78 -14.56
C GLU A 347 -14.88 1.82 -14.64
N SER A 348 -13.79 2.59 -14.79
CA SER A 348 -12.55 2.09 -15.38
C SER A 348 -11.40 2.14 -14.38
N PHE A 349 -11.71 2.20 -13.09
CA PHE A 349 -10.64 2.09 -12.11
C PHE A 349 -9.92 0.73 -12.24
N TYR A 350 -10.66 -0.37 -12.41
CA TYR A 350 -10.09 -1.71 -12.37
C TYR A 350 -10.18 -2.39 -13.73
N GLY A 351 -9.04 -2.88 -14.20
CA GLY A 351 -8.99 -3.65 -15.43
C GLY A 351 -9.11 -2.78 -16.67
N GLY A 352 -9.18 -3.43 -17.82
CA GLY A 352 -9.25 -2.73 -19.10
C GLY A 352 -7.90 -2.34 -19.68
N GLY A 353 -7.86 -1.19 -20.33
CA GLY A 353 -6.66 -0.76 -20.97
C GLY A 353 -6.47 0.74 -20.84
N ALA A 354 -6.14 1.43 -21.93
CA ALA A 354 -5.76 2.83 -21.81
C ALA A 354 -6.93 3.69 -21.41
N GLU A 355 -8.16 3.32 -21.79
CA GLU A 355 -9.29 4.17 -21.46
C GLU A 355 -9.52 4.17 -19.95
N GLY A 356 -9.60 5.36 -19.39
CA GLY A 356 -9.73 5.52 -17.95
C GLY A 356 -8.44 5.32 -17.20
N TYR A 357 -7.33 5.30 -17.92
CA TYR A 357 -6.01 5.02 -17.31
C TYR A 357 -4.99 6.07 -17.76
N THR A 358 -4.68 6.16 -19.06
CA THR A 358 -3.72 7.14 -19.54
C THR A 358 -4.39 8.28 -20.33
N ASP A 359 -5.72 8.31 -20.38
CA ASP A 359 -6.42 9.25 -21.26
C ASP A 359 -7.05 10.40 -20.46
N TYR A 360 -6.67 10.56 -19.21
CA TYR A 360 -7.05 11.75 -18.47
C TYR A 360 -6.02 12.84 -18.79
N PRO A 361 -6.43 14.00 -19.30
CA PRO A 361 -5.45 14.93 -19.83
C PRO A 361 -4.81 15.80 -18.77
N SER A 362 -3.57 16.18 -19.06
N SER A 362 -3.57 16.18 -19.05
CA SER A 362 -2.93 17.26 -18.33
CA SER A 362 -2.94 17.25 -18.28
C SER A 362 -3.39 18.61 -18.86
C SER A 362 -3.34 18.59 -18.85
N LEU A 363 -3.16 19.63 -18.03
CA LEU A 363 -3.46 21.01 -18.44
C LEU A 363 -2.65 21.36 -19.66
#